data_4DT4
#
_entry.id   4DT4
#
_cell.length_a   40.120
_cell.length_b   29.230
_cell.length_c   60.690
_cell.angle_alpha   90.00
_cell.angle_beta   93.20
_cell.angle_gamma   90.00
#
_symmetry.space_group_name_H-M   'P 1 21 1'
#
loop_
_entity.id
_entity.type
_entity.pdbx_description
1 polymer 'FKBP-type 16 kDa peptidyl-prolyl cis-trans isomerase'
2 water water
#
_entity_poly.entity_id   1
_entity_poly.type   'polypeptide(L)'
_entity_poly.pdbx_seq_one_letter_code
;MGSSHHHHHHSSGLVPRGSHMSESVQSNSAVLVHFTLKLDDGTTAESTRNNGKPALFRLGDASLSEGLEQHLLGLKVGDK
TTFSLEPDAAFGVPSPDLIQYFSRREFMDAGEPEIGAIMLFTAMDGSEMPGVIREINGDSITVDFNHPLAGQTVHFDIEV
LEIDPALEA
;
_entity_poly.pdbx_strand_id   A
#
# COMPACT_ATOMS: atom_id res chain seq x y z
N HIS A 10 30.75 -26.52 11.32
CA HIS A 10 29.58 -25.58 11.50
C HIS A 10 28.48 -25.96 12.58
N SER A 11 28.20 -25.01 13.44
CA SER A 11 27.36 -25.29 14.58
C SER A 11 26.12 -24.47 14.46
N SER A 12 25.83 -24.00 13.25
CA SER A 12 24.86 -23.00 13.13
C SER A 12 23.40 -23.51 12.87
N GLY A 13 23.21 -24.75 12.38
CA GLY A 13 21.92 -25.16 11.85
C GLY A 13 21.84 -24.58 10.40
N LEU A 14 22.95 -24.07 9.91
CA LEU A 14 23.00 -23.52 8.51
C LEU A 14 22.87 -24.67 7.50
N VAL A 15 22.05 -24.45 6.51
CA VAL A 15 21.81 -25.56 5.53
C VAL A 15 21.94 -24.95 4.17
N PRO A 16 22.72 -25.56 3.24
CA PRO A 16 22.72 -25.00 1.89
C PRO A 16 21.31 -24.88 1.34
N ARG A 17 20.98 -23.76 0.70
CA ARG A 17 19.63 -23.63 0.16
C ARG A 17 19.44 -24.47 -1.12
N GLY A 18 18.35 -25.24 -1.14
CA GLY A 18 18.09 -26.16 -2.26
C GLY A 18 17.64 -25.46 -3.51
N SER A 19 16.74 -24.52 -3.38
CA SER A 19 16.10 -23.84 -4.53
C SER A 19 17.00 -22.77 -5.21
N HIS A 20 16.61 -22.40 -6.41
CA HIS A 20 17.21 -21.36 -7.17
C HIS A 20 16.86 -19.96 -6.69
N MET A 21 15.75 -19.80 -6.00
CA MET A 21 15.21 -18.54 -5.51
CA MET A 21 15.25 -18.51 -5.53
C MET A 21 15.07 -18.71 -3.98
N SER A 22 14.84 -17.60 -3.33
CA SER A 22 14.64 -17.67 -1.89
C SER A 22 13.44 -18.56 -1.62
N GLU A 23 13.56 -19.34 -0.56
CA GLU A 23 12.47 -20.25 -0.16
C GLU A 23 11.54 -19.59 0.84
N SER A 24 12.00 -18.54 1.49
CA SER A 24 11.08 -17.81 2.38
C SER A 24 11.36 -16.35 2.18
N VAL A 25 10.44 -15.49 2.53
CA VAL A 25 10.59 -14.02 2.25
C VAL A 25 11.72 -13.46 3.06
N GLN A 26 12.61 -12.74 2.36
CA GLN A 26 13.77 -12.08 2.92
C GLN A 26 13.59 -10.58 2.92
N SER A 27 14.54 -9.91 3.55
CA SER A 27 14.46 -8.46 3.81
C SER A 27 14.36 -7.64 2.50
N ASN A 28 14.81 -8.19 1.37
CA ASN A 28 14.74 -7.51 0.10
C ASN A 28 14.00 -8.26 -1.00
N SER A 29 13.15 -9.21 -0.61
CA SER A 29 12.42 -9.96 -1.58
C SER A 29 11.35 -9.15 -2.34
N ALA A 30 11.12 -9.53 -3.58
CA ALA A 30 9.93 -9.19 -4.33
C ALA A 30 8.95 -10.31 -4.18
N VAL A 31 7.76 -10.02 -3.76
CA VAL A 31 6.79 -11.11 -3.43
C VAL A 31 5.51 -10.89 -4.18
N LEU A 32 5.12 -11.86 -5.01
CA LEU A 32 3.79 -11.84 -5.66
CA LEU A 32 3.83 -11.79 -5.69
C LEU A 32 2.79 -12.38 -4.67
N VAL A 33 1.73 -11.59 -4.45
CA VAL A 33 0.74 -12.00 -3.46
C VAL A 33 -0.69 -11.83 -3.97
N HIS A 34 -1.60 -12.61 -3.34
CA HIS A 34 -2.98 -12.17 -3.29
C HIS A 34 -3.25 -11.51 -1.95
N PHE A 35 -4.06 -10.47 -1.91
CA PHE A 35 -4.38 -9.90 -0.59
C PHE A 35 -5.73 -9.25 -0.58
N THR A 36 -6.27 -9.16 0.63
CA THR A 36 -7.45 -8.32 0.90
C THR A 36 -7.13 -7.44 2.09
N LEU A 37 -7.53 -6.22 2.02
CA LEU A 37 -7.27 -5.30 3.13
CA LEU A 37 -7.23 -5.24 3.11
C LEU A 37 -8.62 -4.72 3.54
N LYS A 38 -9.06 -5.01 4.75
CA LYS A 38 -10.35 -4.58 5.27
C LYS A 38 -10.20 -3.54 6.41
N LEU A 39 -11.23 -2.70 6.60
CA LEU A 39 -11.32 -1.71 7.66
C LEU A 39 -12.11 -2.27 8.81
N ASP A 40 -12.08 -1.57 9.96
CA ASP A 40 -12.79 -2.00 11.16
C ASP A 40 -14.28 -2.27 10.95
N ASP A 41 -14.92 -1.60 10.01
CA ASP A 41 -16.34 -1.81 9.73
C ASP A 41 -16.61 -3.05 8.82
N GLY A 42 -15.55 -3.73 8.42
CA GLY A 42 -15.71 -4.89 7.60
C GLY A 42 -15.69 -4.59 6.13
N THR A 43 -15.53 -3.34 5.70
CA THR A 43 -15.46 -3.09 4.28
C THR A 43 -14.11 -3.39 3.71
N THR A 44 -14.13 -3.78 2.47
CA THR A 44 -12.88 -4.02 1.75
C THR A 44 -12.25 -2.79 1.10
N ALA A 45 -11.09 -2.31 1.56
CA ALA A 45 -10.47 -1.14 1.00
C ALA A 45 -9.77 -1.46 -0.30
N GLU A 46 -9.11 -2.62 -0.36
CA GLU A 46 -8.29 -3.01 -1.51
C GLU A 46 -8.24 -4.49 -1.53
N SER A 47 -8.27 -5.08 -2.69
CA SER A 47 -8.18 -6.54 -2.87
CA SER A 47 -8.12 -6.53 -2.86
C SER A 47 -7.52 -6.82 -4.21
N THR A 48 -6.70 -7.82 -4.31
CA THR A 48 -6.22 -8.28 -5.57
C THR A 48 -7.34 -8.88 -6.43
N ARG A 49 -8.33 -9.47 -5.81
CA ARG A 49 -9.56 -9.87 -6.56
C ARG A 49 -10.21 -8.75 -7.34
N ASN A 50 -10.30 -7.54 -6.60
CA ASN A 50 -10.95 -6.35 -7.09
C ASN A 50 -10.08 -5.78 -8.20
N ASN A 51 -8.76 -5.82 -8.02
CA ASN A 51 -7.83 -5.26 -9.03
C ASN A 51 -7.80 -6.14 -10.32
N GLY A 52 -8.20 -7.41 -10.18
CA GLY A 52 -8.11 -8.27 -11.35
C GLY A 52 -6.82 -9.08 -11.42
N LYS A 53 -5.81 -8.89 -10.53
CA LYS A 53 -4.51 -9.55 -10.72
C LYS A 53 -3.72 -9.51 -9.41
N PRO A 54 -2.75 -10.41 -9.27
CA PRO A 54 -1.88 -10.35 -8.04
C PRO A 54 -1.09 -9.10 -7.95
N ALA A 55 -0.64 -8.84 -6.74
CA ALA A 55 0.20 -7.62 -6.47
C ALA A 55 1.62 -7.98 -6.19
N LEU A 56 2.51 -7.11 -6.56
CA LEU A 56 3.93 -7.26 -6.23
C LEU A 56 4.29 -6.40 -5.01
N PHE A 57 4.68 -7.04 -3.93
CA PHE A 57 5.10 -6.40 -2.65
C PHE A 57 6.60 -6.48 -2.53
N ARG A 58 7.28 -5.35 -2.61
CA ARG A 58 8.72 -5.36 -2.54
C ARG A 58 9.19 -4.92 -1.15
N LEU A 59 9.91 -5.81 -0.43
CA LEU A 59 10.44 -5.48 0.89
C LEU A 59 11.77 -4.72 0.69
N GLY A 60 12.04 -3.88 1.67
CA GLY A 60 13.36 -3.24 1.79
C GLY A 60 13.57 -1.98 1.03
N ASP A 61 12.52 -1.37 0.48
CA ASP A 61 12.72 -0.08 -0.21
C ASP A 61 11.75 0.97 0.26
N ALA A 62 11.17 0.79 1.46
CA ALA A 62 10.19 1.73 2.05
C ALA A 62 8.94 1.91 1.26
N SER A 63 8.62 0.95 0.39
CA SER A 63 7.29 0.92 -0.29
C SER A 63 6.21 0.28 0.53
N LEU A 64 6.57 -0.53 1.51
CA LEU A 64 5.69 -1.20 2.46
C LEU A 64 5.99 -0.68 3.80
N SER A 65 4.99 -0.69 4.67
CA SER A 65 5.35 -0.29 6.07
C SER A 65 6.19 -1.35 6.73
N GLU A 66 7.00 -0.94 7.72
CA GLU A 66 7.77 -1.91 8.43
C GLU A 66 6.85 -2.93 9.10
N GLY A 67 5.68 -2.54 9.57
CA GLY A 67 4.77 -3.50 10.20
C GLY A 67 4.29 -4.59 9.26
N LEU A 68 4.02 -4.24 8.02
CA LEU A 68 3.65 -5.22 6.99
C LEU A 68 4.85 -6.11 6.69
N GLU A 69 6.01 -5.44 6.49
CA GLU A 69 7.19 -6.26 6.19
C GLU A 69 7.44 -7.27 7.24
N GLN A 70 7.25 -6.89 8.50
CA GLN A 70 7.55 -7.85 9.62
C GLN A 70 6.63 -9.12 9.57
N HIS A 71 5.40 -8.99 9.07
CA HIS A 71 4.50 -10.11 8.93
C HIS A 71 4.76 -10.91 7.66
N LEU A 72 5.51 -10.33 6.70
CA LEU A 72 5.80 -11.09 5.44
C LEU A 72 7.11 -11.89 5.63
N LEU A 73 8.07 -11.41 6.45
CA LEU A 73 9.39 -12.05 6.59
C LEU A 73 9.19 -13.46 7.05
N GLY A 74 9.87 -14.40 6.38
CA GLY A 74 9.80 -15.80 6.79
C GLY A 74 8.71 -16.61 6.11
N LEU A 75 7.70 -15.97 5.51
CA LEU A 75 6.65 -16.73 4.80
C LEU A 75 7.18 -17.47 3.62
N LYS A 76 6.66 -18.65 3.36
CA LYS A 76 6.98 -19.42 2.19
C LYS A 76 5.85 -19.37 1.18
N VAL A 77 6.16 -19.77 -0.06
CA VAL A 77 5.10 -19.92 -1.11
C VAL A 77 3.99 -20.85 -0.59
N GLY A 78 2.74 -20.41 -0.73
CA GLY A 78 1.56 -21.20 -0.27
C GLY A 78 1.13 -20.80 1.14
N ASP A 79 1.90 -20.03 1.86
CA ASP A 79 1.50 -19.60 3.17
C ASP A 79 0.41 -18.53 3.03
N LYS A 80 -0.55 -18.58 3.92
CA LYS A 80 -1.59 -17.54 4.04
C LYS A 80 -1.45 -17.02 5.45
N THR A 81 -1.56 -15.71 5.61
CA THR A 81 -1.56 -15.08 6.91
C THR A 81 -2.67 -14.02 6.94
N THR A 82 -3.27 -13.93 8.12
CA THR A 82 -4.27 -12.93 8.44
CA THR A 82 -4.23 -12.89 8.40
C THR A 82 -3.81 -12.20 9.69
N PHE A 83 -3.81 -10.86 9.72
CA PHE A 83 -3.38 -10.14 10.86
C PHE A 83 -3.88 -8.68 10.77
N SER A 84 -3.90 -7.99 11.84
CA SER A 84 -4.31 -6.62 11.88
CA SER A 84 -4.27 -6.57 11.84
C SER A 84 -3.16 -5.72 12.28
N LEU A 85 -3.10 -4.46 11.76
CA LEU A 85 -2.11 -3.46 12.11
C LEU A 85 -2.76 -2.17 12.51
N GLU A 86 -2.30 -1.58 13.57
CA GLU A 86 -2.79 -0.25 13.98
C GLU A 86 -2.03 0.79 13.13
N PRO A 87 -2.52 2.05 13.05
CA PRO A 87 -1.87 3.00 12.18
C PRO A 87 -0.37 3.16 12.28
N ASP A 88 0.19 3.16 13.47
CA ASP A 88 1.62 3.39 13.58
C ASP A 88 2.43 2.30 12.85
N ALA A 89 1.88 1.12 12.73
CA ALA A 89 2.57 0.02 11.98
C ALA A 89 2.09 -0.12 10.55
N ALA A 90 0.99 0.58 10.20
CA ALA A 90 0.33 0.50 8.93
C ALA A 90 0.65 1.80 8.16
N PHE A 91 -0.38 2.61 7.90
CA PHE A 91 -0.19 3.75 7.05
C PHE A 91 -0.09 5.06 7.77
N GLY A 92 0.17 5.02 9.09
CA GLY A 92 0.36 6.15 9.95
C GLY A 92 -0.89 6.93 10.21
N VAL A 93 -0.81 7.86 11.11
CA VAL A 93 -1.91 8.75 11.38
C VAL A 93 -1.92 9.91 10.42
N PRO A 94 -3.08 10.53 10.22
CA PRO A 94 -3.12 11.61 9.23
C PRO A 94 -2.47 12.86 9.79
N SER A 95 -1.84 13.65 8.93
CA SER A 95 -1.18 14.86 9.35
C SER A 95 -1.83 16.08 8.75
N PRO A 96 -2.04 17.11 9.58
CA PRO A 96 -2.61 18.37 9.11
C PRO A 96 -1.73 19.07 8.07
N ASP A 97 -0.46 18.67 8.02
CA ASP A 97 0.49 19.27 7.10
C ASP A 97 0.21 18.86 5.65
N LEU A 98 -0.50 17.76 5.48
CA LEU A 98 -0.85 17.24 4.17
CA LEU A 98 -0.83 17.27 4.17
C LEU A 98 -2.18 17.71 3.68
N ILE A 99 -2.79 18.67 4.38
CA ILE A 99 -3.94 19.40 3.90
C ILE A 99 -3.43 20.64 3.26
N GLN A 100 -3.80 20.88 2.02
CA GLN A 100 -3.24 21.97 1.28
C GLN A 100 -4.28 22.69 0.48
N TYR A 101 -3.97 23.93 0.13
CA TYR A 101 -4.89 24.90 -0.47
C TYR A 101 -4.52 25.24 -1.90
N PHE A 102 -5.50 25.19 -2.79
CA PHE A 102 -5.37 25.51 -4.20
C PHE A 102 -6.38 26.58 -4.59
N SER A 103 -6.06 27.37 -5.59
CA SER A 103 -7.00 28.25 -6.21
C SER A 103 -7.82 27.47 -7.21
N ARG A 104 -9.12 27.81 -7.31
CA ARG A 104 -9.96 27.21 -8.33
C ARG A 104 -9.36 27.32 -9.75
N ARG A 105 -8.65 28.42 -10.07
CA ARG A 105 -8.12 28.57 -11.40
C ARG A 105 -7.04 27.56 -11.71
N GLU A 106 -6.42 26.95 -10.69
CA GLU A 106 -5.32 25.93 -10.91
C GLU A 106 -5.91 24.66 -11.51
N PHE A 107 -7.23 24.52 -11.45
CA PHE A 107 -7.92 23.36 -12.04
C PHE A 107 -8.46 23.61 -13.41
N MET A 108 -8.11 24.77 -13.96
CA MET A 108 -8.53 25.18 -15.33
C MET A 108 -8.52 24.03 -16.38
N ASP A 109 -7.48 23.18 -16.39
CA ASP A 109 -7.45 22.05 -17.34
C ASP A 109 -7.66 20.66 -16.77
N ALA A 110 -7.92 20.58 -15.49
CA ALA A 110 -7.93 19.31 -14.81
C ALA A 110 -9.33 18.74 -14.59
N GLY A 111 -10.36 19.52 -14.76
CA GLY A 111 -11.66 18.97 -14.32
C GLY A 111 -12.16 19.78 -13.14
N GLU A 112 -13.49 19.99 -13.09
CA GLU A 112 -14.08 20.75 -12.02
C GLU A 112 -13.87 20.00 -10.69
N PRO A 113 -13.34 20.70 -9.68
CA PRO A 113 -13.31 20.12 -8.33
C PRO A 113 -14.71 19.87 -7.80
N GLU A 114 -14.93 18.69 -7.27
CA GLU A 114 -16.20 18.34 -6.60
C GLU A 114 -15.88 17.72 -5.26
N ILE A 115 -16.73 18.02 -4.28
CA ILE A 115 -16.45 17.58 -2.88
C ILE A 115 -16.30 16.07 -2.80
N GLY A 116 -15.23 15.60 -2.19
CA GLY A 116 -15.04 14.17 -1.94
C GLY A 116 -14.36 13.54 -3.16
N ALA A 117 -14.21 14.22 -4.29
CA ALA A 117 -13.59 13.57 -5.49
C ALA A 117 -12.11 13.30 -5.20
N ILE A 118 -11.58 12.23 -5.78
CA ILE A 118 -10.13 12.00 -5.78
C ILE A 118 -9.59 12.57 -7.10
N MET A 119 -8.65 13.48 -7.05
CA MET A 119 -8.05 14.03 -8.24
C MET A 119 -6.55 13.72 -8.19
N LEU A 120 -5.96 13.59 -9.36
CA LEU A 120 -4.52 13.35 -9.48
CA LEU A 120 -4.50 13.37 -9.49
C LEU A 120 -3.75 14.66 -9.64
N PHE A 121 -2.65 14.79 -8.96
CA PHE A 121 -1.78 15.92 -9.03
C PHE A 121 -0.39 15.48 -9.40
N THR A 122 0.34 16.34 -10.12
CA THR A 122 1.72 16.11 -10.55
C THR A 122 2.63 16.78 -9.53
N ALA A 123 3.59 16.03 -8.97
CA ALA A 123 4.63 16.57 -8.06
C ALA A 123 5.80 17.11 -8.86
N MET A 124 6.72 17.77 -8.17
CA MET A 124 7.82 18.45 -8.84
C MET A 124 8.64 17.45 -9.67
N ASP A 125 8.83 16.25 -9.15
CA ASP A 125 9.60 15.28 -9.96
C ASP A 125 8.78 14.54 -11.04
N GLY A 126 7.52 14.95 -11.23
CA GLY A 126 6.65 14.40 -12.23
C GLY A 126 5.86 13.15 -11.78
N SER A 127 6.12 12.63 -10.58
CA SER A 127 5.30 11.54 -10.07
C SER A 127 3.92 12.09 -9.73
N GLU A 128 2.94 11.24 -9.74
CA GLU A 128 1.57 11.64 -9.52
C GLU A 128 1.11 11.22 -8.13
N MET A 129 0.33 12.02 -7.53
CA MET A 129 -0.23 11.76 -6.22
C MET A 129 -1.71 12.07 -6.20
N PRO A 130 -2.55 11.14 -5.68
CA PRO A 130 -3.95 11.53 -5.51
C PRO A 130 -4.15 12.44 -4.29
N GLY A 131 -5.15 13.28 -4.41
CA GLY A 131 -5.61 14.14 -3.33
C GLY A 131 -7.13 14.16 -3.32
N VAL A 132 -7.70 14.23 -2.11
CA VAL A 132 -9.18 14.22 -2.04
C VAL A 132 -9.62 15.67 -1.80
N ILE A 133 -10.61 16.08 -2.58
CA ILE A 133 -11.20 17.47 -2.40
C ILE A 133 -11.98 17.52 -1.07
N ARG A 134 -11.54 18.30 -0.08
CA ARG A 134 -12.13 18.34 1.30
C ARG A 134 -13.09 19.49 1.46
N GLU A 135 -12.81 20.58 0.82
CA GLU A 135 -13.68 21.85 0.90
C GLU A 135 -13.60 22.61 -0.39
N ILE A 136 -14.72 23.24 -0.72
CA ILE A 136 -14.71 24.13 -1.85
C ILE A 136 -15.44 25.40 -1.41
N ASN A 137 -14.73 26.48 -1.46
CA ASN A 137 -15.25 27.73 -0.93
C ASN A 137 -14.81 28.87 -1.78
N GLY A 138 -15.56 29.07 -2.86
CA GLY A 138 -15.27 30.14 -3.77
C GLY A 138 -14.05 29.77 -4.61
N ASP A 139 -13.09 30.67 -4.61
CA ASP A 139 -11.83 30.40 -5.26
C ASP A 139 -10.97 29.39 -4.48
N SER A 140 -11.24 29.17 -3.18
CA SER A 140 -10.32 28.32 -2.35
C SER A 140 -10.75 26.84 -2.34
N ILE A 141 -9.84 25.95 -2.79
CA ILE A 141 -10.08 24.51 -2.84
C ILE A 141 -9.12 23.86 -1.79
N THR A 142 -9.67 23.09 -0.87
CA THR A 142 -8.84 22.42 0.16
C THR A 142 -8.68 20.96 -0.29
N VAL A 143 -7.45 20.46 -0.33
CA VAL A 143 -7.16 19.09 -0.79
C VAL A 143 -6.38 18.34 0.25
N ASP A 144 -6.79 17.11 0.53
CA ASP A 144 -6.08 16.26 1.54
C ASP A 144 -5.25 15.18 0.79
N PHE A 145 -3.92 15.30 0.99
CA PHE A 145 -2.95 14.38 0.37
C PHE A 145 -2.55 13.25 1.33
N ASN A 146 -3.13 13.13 2.50
CA ASN A 146 -2.81 11.97 3.34
C ASN A 146 -3.12 10.65 2.65
N HIS A 147 -2.37 9.63 3.00
CA HIS A 147 -2.68 8.33 2.53
C HIS A 147 -4.14 8.02 2.79
N PRO A 148 -4.85 7.43 1.80
CA PRO A 148 -6.25 7.10 2.06
C PRO A 148 -6.55 6.23 3.27
N LEU A 149 -5.59 5.43 3.77
CA LEU A 149 -5.86 4.58 4.88
C LEU A 149 -5.16 5.17 6.14
N ALA A 150 -4.66 6.40 6.10
CA ALA A 150 -4.08 6.99 7.27
C ALA A 150 -5.13 6.98 8.40
N GLY A 151 -4.74 6.66 9.62
CA GLY A 151 -5.60 6.63 10.80
C GLY A 151 -6.42 5.41 10.99
N GLN A 152 -6.43 4.43 10.02
CA GLN A 152 -7.26 3.30 10.12
C GLN A 152 -6.44 2.14 10.72
N THR A 153 -7.07 1.35 11.57
CA THR A 153 -6.62 -0.02 11.77
C THR A 153 -6.99 -0.83 10.55
N VAL A 154 -6.03 -1.65 10.09
CA VAL A 154 -6.22 -2.38 8.83
CA VAL A 154 -6.18 -2.33 8.79
C VAL A 154 -6.09 -3.84 9.07
N HIS A 155 -6.89 -4.63 8.36
CA HIS A 155 -6.97 -6.11 8.53
CA HIS A 155 -6.94 -6.05 8.53
C HIS A 155 -6.53 -6.70 7.21
N PHE A 156 -5.43 -7.43 7.28
CA PHE A 156 -4.82 -8.03 6.07
C PHE A 156 -5.07 -9.50 6.03
N ASP A 157 -5.36 -9.98 4.82
CA ASP A 157 -5.32 -11.42 4.52
C ASP A 157 -4.38 -11.52 3.30
N ILE A 158 -3.28 -12.24 3.43
CA ILE A 158 -2.24 -12.26 2.39
C ILE A 158 -1.86 -13.70 2.08
N GLU A 159 -1.75 -14.04 0.82
CA GLU A 159 -1.26 -15.37 0.43
C GLU A 159 -0.04 -15.17 -0.48
N VAL A 160 1.05 -15.86 -0.14
CA VAL A 160 2.33 -15.72 -0.89
C VAL A 160 2.29 -16.60 -2.11
N LEU A 161 2.43 -16.04 -3.31
CA LEU A 161 2.28 -16.82 -4.58
C LEU A 161 3.68 -17.18 -5.09
N GLU A 162 4.60 -16.26 -5.02
CA GLU A 162 5.91 -16.43 -5.59
C GLU A 162 6.87 -15.51 -4.93
N ILE A 163 8.12 -15.92 -4.81
CA ILE A 163 9.17 -15.05 -4.31
C ILE A 163 10.25 -14.83 -5.37
N ASP A 164 10.57 -13.57 -5.63
CA ASP A 164 11.54 -13.18 -6.66
C ASP A 164 11.26 -13.81 -8.01
N PRO A 165 10.09 -13.47 -8.60
CA PRO A 165 9.75 -14.01 -9.93
C PRO A 165 10.77 -13.57 -10.96
N ALA A 166 11.11 -14.47 -11.85
CA ALA A 166 12.16 -14.21 -12.85
C ALA A 166 11.62 -13.48 -14.05
N LEU A 167 12.46 -12.75 -14.79
CA LEU A 167 12.05 -12.15 -16.06
C LEU A 167 11.76 -13.26 -17.03
N GLU A 168 10.82 -13.05 -17.91
CA GLU A 168 10.58 -14.04 -18.95
C GLU A 168 11.35 -13.73 -20.27
N ALA A 169 11.69 -14.76 -21.01
CA ALA A 169 12.28 -14.56 -22.31
C ALA A 169 11.15 -13.95 -23.20
#